data_5TX8
#
_entry.id   5TX8
#
_entity_poly.entity_id   1
_entity_poly.type   'polypeptide(L)'
_entity_poly.pdbx_seq_one_letter_code
;AEDCERIRKELEKNPNDEIKKKLEKCQA
;
_entity_poly.pdbx_strand_id   A
#
# COMPACT_ATOMS: atom_id res chain seq x y z
N ALA A 1 -4.06 -8.80 -8.42
CA ALA A 1 -2.69 -9.23 -8.09
C ALA A 1 -2.00 -8.18 -7.24
N GLU A 2 -2.38 -8.14 -5.96
CA GLU A 2 -1.83 -7.19 -5.00
C GLU A 2 -1.84 -7.82 -3.61
N ASP A 3 -1.18 -7.16 -2.66
CA ASP A 3 -1.14 -7.64 -1.28
C ASP A 3 -1.07 -6.44 -0.34
N CYS A 4 -2.12 -6.25 0.44
CA CYS A 4 -2.26 -5.07 1.29
C CYS A 4 -1.07 -4.91 2.25
N GLU A 5 -0.67 -6.01 2.87
CA GLU A 5 0.42 -5.97 3.84
C GLU A 5 1.76 -5.69 3.16
N ARG A 6 1.93 -6.24 1.95
CA ARG A 6 3.14 -6.03 1.18
C ARG A 6 3.23 -4.57 0.76
N ILE A 7 2.11 -4.02 0.32
CA ILE A 7 2.01 -2.60 -0.02
C ILE A 7 2.27 -1.75 1.21
N ARG A 8 1.80 -2.23 2.37
CA ARG A 8 2.04 -1.57 3.64
C ARG A 8 3.54 -1.46 3.89
N LYS A 9 4.24 -2.56 3.66
CA LYS A 9 5.69 -2.60 3.80
C LYS A 9 6.33 -1.59 2.86
N GLU A 10 5.87 -1.57 1.61
CA GLU A 10 6.37 -0.61 0.63
C GLU A 10 6.03 0.82 1.03
N LEU A 11 4.90 1.01 1.70
CA LEU A 11 4.47 2.33 2.14
C LEU A 11 5.23 2.75 3.39
N GLU A 12 5.74 1.75 4.12
CA GLU A 12 6.55 1.99 5.29
C GLU A 12 7.91 2.57 4.88
N LYS A 13 8.57 1.87 3.96
CA LYS A 13 9.87 2.29 3.44
C LYS A 13 9.70 3.51 2.53
N ASN A 14 8.63 3.52 1.73
CA ASN A 14 8.37 4.61 0.79
C ASN A 14 7.01 5.23 1.04
N PRO A 15 6.95 6.39 1.72
CA PRO A 15 5.70 7.14 1.93
C PRO A 15 5.20 7.77 0.63
N ASN A 16 4.76 6.91 -0.29
CA ASN A 16 4.34 7.34 -1.62
C ASN A 16 2.82 7.51 -1.69
N ASP A 17 2.37 8.52 -2.45
CA ASP A 17 0.94 8.81 -2.60
C ASP A 17 0.20 7.64 -3.23
N GLU A 18 0.56 7.29 -4.46
CA GLU A 18 -0.13 6.25 -5.21
C GLU A 18 -0.15 4.93 -4.43
N ILE A 19 0.97 4.62 -3.79
CA ILE A 19 1.09 3.42 -2.96
C ILE A 19 0.07 3.48 -1.82
N LYS A 20 0.05 4.61 -1.11
CA LYS A 20 -0.89 4.81 -0.01
C LYS A 20 -2.33 4.63 -0.49
N LYS A 21 -2.68 5.34 -1.56
CA LYS A 21 -4.06 5.36 -2.07
C LYS A 21 -4.49 3.97 -2.51
N LYS A 22 -3.58 3.24 -3.14
CA LYS A 22 -3.87 1.90 -3.62
C LYS A 22 -3.78 0.88 -2.49
N LEU A 23 -3.14 1.27 -1.39
CA LEU A 23 -3.14 0.46 -0.17
C LEU A 23 -4.54 0.51 0.45
N GLU A 24 -5.04 1.73 0.65
CA GLU A 24 -6.34 1.96 1.27
C GLU A 24 -7.43 1.13 0.57
N LYS A 25 -7.31 1.03 -0.75
CA LYS A 25 -8.29 0.32 -1.56
C LYS A 25 -7.65 -0.88 -2.27
N CYS A 26 -6.63 -1.46 -1.64
CA CYS A 26 -6.00 -2.68 -2.12
C CYS A 26 -7.05 -3.80 -2.21
N GLN A 27 -7.85 -3.87 -1.16
CA GLN A 27 -8.99 -4.77 -1.10
C GLN A 27 -10.26 -3.99 -1.39
N ALA A 28 -10.69 -4.03 -2.64
CA ALA A 28 -11.86 -3.29 -3.09
C ALA A 28 -12.65 -4.10 -4.10
N ALA A 1 3.96 -8.69 -7.62
CA ALA A 1 3.85 -8.40 -6.17
C ALA A 1 3.14 -7.07 -5.94
N GLU A 2 1.84 -7.14 -5.64
CA GLU A 2 1.01 -5.97 -5.40
C GLU A 2 0.02 -6.26 -4.27
N ASP A 3 0.43 -7.17 -3.40
CA ASP A 3 -0.38 -7.59 -2.26
C ASP A 3 -0.64 -6.42 -1.33
N CYS A 4 -1.73 -6.44 -0.59
CA CYS A 4 -2.01 -5.38 0.38
C CYS A 4 -0.85 -5.26 1.36
N GLU A 5 -0.29 -6.41 1.75
CA GLU A 5 0.84 -6.45 2.68
C GLU A 5 2.10 -5.95 1.97
N ARG A 6 2.19 -6.23 0.67
CA ARG A 6 3.30 -5.74 -0.14
C ARG A 6 3.29 -4.22 -0.13
N ILE A 7 2.08 -3.66 -0.28
CA ILE A 7 1.87 -2.22 -0.26
C ILE A 7 2.28 -1.66 1.11
N ARG A 8 1.85 -2.33 2.19
CA ARG A 8 2.28 -2.00 3.54
C ARG A 8 3.80 -1.81 3.59
N LYS A 9 4.52 -2.86 3.18
CA LYS A 9 5.98 -2.89 3.30
C LYS A 9 6.65 -1.85 2.41
N GLU A 10 6.08 -1.60 1.23
CA GLU A 10 6.66 -0.59 0.35
C GLU A 10 6.44 0.80 0.93
N LEU A 11 5.28 0.98 1.57
CA LEU A 11 4.94 2.27 2.15
C LEU A 11 5.83 2.54 3.35
N GLU A 12 6.18 1.46 4.04
CA GLU A 12 7.12 1.49 5.14
C GLU A 12 8.46 2.09 4.71
N LYS A 13 8.94 1.66 3.55
CA LYS A 13 10.23 2.11 3.03
C LYS A 13 10.11 3.47 2.30
N ASN A 14 8.98 3.68 1.64
CA ASN A 14 8.76 4.88 0.84
C ASN A 14 7.27 5.19 0.71
N PRO A 15 6.80 6.28 1.34
CA PRO A 15 5.40 6.68 1.27
C PRO A 15 5.04 7.30 -0.09
N ASN A 16 4.87 6.44 -1.09
CA ASN A 16 4.44 6.87 -2.43
C ASN A 16 2.96 7.21 -2.40
N ASP A 17 2.57 8.22 -3.18
CA ASP A 17 1.19 8.71 -3.21
C ASP A 17 0.21 7.58 -3.56
N GLU A 18 0.44 6.93 -4.70
CA GLU A 18 -0.44 5.87 -5.18
C GLU A 18 -0.48 4.74 -4.17
N ILE A 19 0.70 4.31 -3.73
CA ILE A 19 0.85 3.22 -2.77
C ILE A 19 0.05 3.50 -1.50
N LYS A 20 0.19 4.73 -0.99
CA LYS A 20 -0.50 5.16 0.23
C LYS A 20 -2.01 5.14 -0.02
N LYS A 21 -2.40 5.75 -1.13
CA LYS A 21 -3.80 5.92 -1.49
C LYS A 21 -4.48 4.56 -1.72
N LYS A 22 -3.72 3.59 -2.21
CA LYS A 22 -4.24 2.25 -2.46
C LYS A 22 -4.26 1.45 -1.15
N LEU A 23 -3.29 1.69 -0.28
CA LEU A 23 -3.21 0.97 1.00
C LEU A 23 -4.38 1.36 1.89
N GLU A 24 -4.91 2.56 1.69
CA GLU A 24 -6.09 3.03 2.39
C GLU A 24 -7.23 2.02 2.24
N LYS A 25 -7.26 1.35 1.10
CA LYS A 25 -8.27 0.34 0.81
C LYS A 25 -7.99 -0.93 1.61
N CYS A 26 -6.72 -1.22 1.83
CA CYS A 26 -6.29 -2.43 2.53
C CYS A 26 -6.10 -2.18 4.03
N GLN A 27 -6.49 -0.99 4.50
CA GLN A 27 -6.44 -0.67 5.93
C GLN A 27 -7.48 -1.51 6.68
N ALA A 28 -7.07 -2.70 7.08
CA ALA A 28 -7.94 -3.60 7.85
C ALA A 28 -7.58 -3.54 9.33
N ALA A 1 1.27 -6.02 -7.33
CA ALA A 1 1.53 -5.23 -6.11
C ALA A 1 0.23 -4.92 -5.38
N GLU A 2 -0.72 -5.85 -5.44
CA GLU A 2 -2.04 -5.65 -4.84
C GLU A 2 -2.09 -6.24 -3.44
N ASP A 3 -1.04 -6.96 -3.08
CA ASP A 3 -0.94 -7.58 -1.75
C ASP A 3 -0.83 -6.49 -0.69
N CYS A 4 -1.85 -6.36 0.16
CA CYS A 4 -1.91 -5.30 1.17
C CYS A 4 -0.63 -5.25 2.01
N GLU A 5 -0.06 -6.40 2.30
CA GLU A 5 1.21 -6.48 3.04
C GLU A 5 2.33 -5.82 2.24
N ARG A 6 2.43 -6.18 0.96
CA ARG A 6 3.42 -5.58 0.07
C ARG A 6 3.25 -4.07 0.02
N ILE A 7 2.03 -3.64 -0.25
CA ILE A 7 1.73 -2.22 -0.39
C ILE A 7 2.13 -1.46 0.88
N ARG A 8 1.83 -2.06 2.04
CA ARG A 8 2.19 -1.48 3.34
C ARG A 8 3.70 -1.30 3.46
N LYS A 9 4.43 -2.39 3.32
CA LYS A 9 5.87 -2.38 3.55
C LYS A 9 6.63 -1.71 2.40
N GLU A 10 5.97 -1.57 1.26
CA GLU A 10 6.53 -0.85 0.14
C GLU A 10 6.34 0.65 0.34
N LEU A 11 5.21 1.04 0.93
CA LEU A 11 4.94 2.44 1.24
C LEU A 11 5.83 2.87 2.40
N GLU A 12 6.12 1.91 3.26
CA GLU A 12 6.99 2.10 4.41
C GLU A 12 8.34 2.71 3.99
N LYS A 13 9.05 2.02 3.09
CA LYS A 13 10.35 2.51 2.61
C LYS A 13 10.19 3.55 1.51
N ASN A 14 9.27 3.30 0.58
CA ASN A 14 9.11 4.17 -0.60
C ASN A 14 7.78 4.92 -0.56
N PRO A 15 7.79 6.17 -0.06
CA PRO A 15 6.58 7.01 -0.02
C PRO A 15 6.08 7.36 -1.42
N ASN A 16 4.79 7.13 -1.65
CA ASN A 16 4.16 7.43 -2.94
C ASN A 16 2.65 7.51 -2.74
N ASP A 17 2.03 8.55 -3.28
CA ASP A 17 0.60 8.79 -3.07
C ASP A 17 -0.23 7.63 -3.62
N GLU A 18 0.16 7.12 -4.79
CA GLU A 18 -0.50 5.97 -5.40
C GLU A 18 -0.57 4.81 -4.40
N ILE A 19 0.57 4.48 -3.83
CA ILE A 19 0.68 3.35 -2.91
C ILE A 19 -0.16 3.60 -1.64
N LYS A 20 -0.08 4.83 -1.14
CA LYS A 20 -0.82 5.22 0.06
C LYS A 20 -2.32 5.04 -0.18
N LYS A 21 -2.79 5.57 -1.31
CA LYS A 21 -4.20 5.48 -1.68
C LYS A 21 -4.60 4.04 -1.94
N LYS A 22 -3.67 3.27 -2.49
CA LYS A 22 -3.90 1.85 -2.75
C LYS A 22 -4.14 1.13 -1.42
N LEU A 23 -3.44 1.57 -0.38
CA LEU A 23 -3.65 1.05 0.98
C LEU A 23 -5.00 1.48 1.55
N GLU A 24 -5.47 2.65 1.13
CA GLU A 24 -6.67 3.25 1.70
C GLU A 24 -7.87 2.30 1.65
N LYS A 25 -7.86 1.38 0.68
CA LYS A 25 -8.93 0.41 0.53
C LYS A 25 -8.35 -0.99 0.29
N CYS A 26 -7.19 -1.25 0.88
CA CYS A 26 -6.56 -2.56 0.81
C CYS A 26 -6.58 -3.21 2.18
N GLN A 27 -7.52 -4.14 2.38
CA GLN A 27 -7.64 -4.86 3.63
C GLN A 27 -8.37 -6.18 3.40
N ALA A 28 -9.54 -6.09 2.77
CA ALA A 28 -10.31 -7.27 2.41
C ALA A 28 -9.74 -7.92 1.14
N ALA A 1 -6.27 -13.55 -1.50
CA ALA A 1 -4.94 -12.96 -1.75
C ALA A 1 -4.98 -11.46 -1.50
N GLU A 2 -4.52 -11.06 -0.32
CA GLU A 2 -4.51 -9.65 0.06
C GLU A 2 -3.08 -9.10 -0.02
N ASP A 3 -2.87 -8.17 -0.94
CA ASP A 3 -1.55 -7.59 -1.16
C ASP A 3 -1.37 -6.34 -0.30
N CYS A 4 -2.26 -6.14 0.65
CA CYS A 4 -2.23 -4.98 1.54
C CYS A 4 -0.93 -4.95 2.33
N GLU A 5 -0.46 -6.13 2.73
CA GLU A 5 0.82 -6.25 3.43
C GLU A 5 1.97 -5.82 2.52
N ARG A 6 1.90 -6.27 1.27
CA ARG A 6 2.90 -5.92 0.26
C ARG A 6 3.00 -4.40 0.16
N ILE A 7 1.88 -3.77 -0.17
CA ILE A 7 1.80 -2.33 -0.33
C ILE A 7 2.13 -1.62 0.98
N ARG A 8 1.80 -2.25 2.10
CA ARG A 8 2.12 -1.68 3.42
C ARG A 8 3.63 -1.48 3.53
N LYS A 9 4.38 -2.53 3.23
CA LYS A 9 5.84 -2.49 3.28
C LYS A 9 6.42 -1.61 2.17
N GLU A 10 5.74 -1.54 1.04
CA GLU A 10 6.17 -0.67 -0.05
C GLU A 10 5.99 0.79 0.35
N LEU A 11 4.91 1.08 1.07
CA LEU A 11 4.62 2.44 1.52
C LEU A 11 5.52 2.80 2.70
N GLU A 12 5.81 1.79 3.52
CA GLU A 12 6.67 1.95 4.68
C GLU A 12 8.05 2.44 4.23
N LYS A 13 8.70 1.66 3.37
CA LYS A 13 10.03 1.97 2.91
C LYS A 13 10.01 3.12 1.88
N ASN A 14 9.04 3.08 0.98
CA ASN A 14 8.91 4.10 -0.08
C ASN A 14 7.61 4.89 0.09
N PRO A 15 7.66 6.02 0.80
CA PRO A 15 6.47 6.83 1.11
C PRO A 15 6.03 7.72 -0.06
N ASN A 16 4.96 7.31 -0.73
CA ASN A 16 4.32 8.13 -1.76
C ASN A 16 2.80 8.10 -1.56
N ASP A 17 2.16 9.23 -1.75
CA ASP A 17 0.72 9.35 -1.53
C ASP A 17 -0.05 8.36 -2.40
N GLU A 18 0.45 8.11 -3.60
CA GLU A 18 -0.15 7.14 -4.51
C GLU A 18 -0.19 5.77 -3.84
N ILE A 19 0.98 5.27 -3.46
CA ILE A 19 1.08 3.96 -2.83
C ILE A 19 0.20 3.90 -1.58
N LYS A 20 0.19 5.01 -0.85
CA LYS A 20 -0.61 5.14 0.36
C LYS A 20 -2.09 4.92 0.07
N LYS A 21 -2.60 5.58 -0.98
CA LYS A 21 -4.01 5.47 -1.34
C LYS A 21 -4.28 4.19 -2.12
N LYS A 22 -3.21 3.60 -2.68
CA LYS A 22 -3.32 2.29 -3.32
C LYS A 22 -3.45 1.21 -2.25
N LEU A 23 -2.89 1.48 -1.08
CA LEU A 23 -3.06 0.59 0.08
C LEU A 23 -4.54 0.54 0.47
N GLU A 24 -5.21 1.70 0.36
CA GLU A 24 -6.64 1.80 0.63
C GLU A 24 -7.44 0.87 -0.29
N LYS A 25 -6.92 0.67 -1.50
CA LYS A 25 -7.57 -0.19 -2.49
C LYS A 25 -6.68 -1.41 -2.78
N CYS A 26 -5.94 -1.83 -1.76
CA CYS A 26 -4.99 -2.93 -1.88
C CYS A 26 -5.65 -4.23 -2.34
N GLN A 27 -6.66 -4.68 -1.59
CA GLN A 27 -7.34 -5.93 -1.88
C GLN A 27 -8.18 -5.79 -3.15
N ALA A 28 -7.56 -6.09 -4.28
CA ALA A 28 -8.21 -6.04 -5.58
C ALA A 28 -8.73 -7.42 -5.98
N ALA A 1 -7.03 -11.09 -0.89
CA ALA A 1 -5.80 -10.36 -1.27
C ALA A 1 -5.07 -9.85 -0.02
N GLU A 2 -3.95 -10.49 0.30
CA GLU A 2 -3.07 -10.05 1.40
C GLU A 2 -2.08 -9.01 0.91
N ASP A 3 -2.25 -8.64 -0.35
CA ASP A 3 -1.52 -7.54 -0.98
C ASP A 3 -1.46 -6.31 -0.05
N CYS A 4 -2.46 -6.17 0.82
CA CYS A 4 -2.44 -5.12 1.85
C CYS A 4 -1.09 -5.10 2.57
N GLU A 5 -0.61 -6.31 2.91
CA GLU A 5 0.72 -6.50 3.51
C GLU A 5 1.80 -5.87 2.61
N ARG A 6 1.76 -6.26 1.34
CA ARG A 6 2.70 -5.78 0.33
C ARG A 6 2.74 -4.26 0.31
N ILE A 7 1.57 -3.66 0.19
CA ILE A 7 1.45 -2.21 0.08
C ILE A 7 1.93 -1.52 1.35
N ARG A 8 1.60 -2.11 2.49
CA ARG A 8 1.97 -1.53 3.78
C ARG A 8 3.50 -1.44 3.89
N LYS A 9 4.16 -2.55 3.55
CA LYS A 9 5.62 -2.61 3.64
C LYS A 9 6.27 -1.76 2.55
N GLU A 10 5.59 -1.62 1.42
CA GLU A 10 6.07 -0.80 0.33
C GLU A 10 5.90 0.68 0.67
N LEU A 11 4.83 0.99 1.39
CA LEU A 11 4.51 2.37 1.78
C LEU A 11 5.42 2.80 2.93
N GLU A 12 5.79 1.80 3.74
CA GLU A 12 6.75 1.97 4.82
C GLU A 12 8.00 2.68 4.30
N LYS A 13 8.56 2.12 3.24
CA LYS A 13 9.77 2.63 2.62
C LYS A 13 9.45 3.79 1.65
N ASN A 14 8.36 3.64 0.91
CA ASN A 14 7.96 4.62 -0.11
C ASN A 14 6.66 5.32 0.30
N PRO A 15 6.75 6.51 0.92
CA PRO A 15 5.59 7.25 1.43
C PRO A 15 4.82 8.00 0.33
N ASN A 16 4.60 7.32 -0.79
CA ASN A 16 3.91 7.94 -1.93
C ASN A 16 2.40 7.82 -1.75
N ASP A 17 1.69 8.90 -2.08
CA ASP A 17 0.22 8.93 -1.92
C ASP A 17 -0.44 7.87 -2.79
N GLU A 18 0.21 7.54 -3.90
CA GLU A 18 -0.25 6.49 -4.80
C GLU A 18 -0.30 5.15 -4.05
N ILE A 19 0.82 4.81 -3.44
CA ILE A 19 0.92 3.58 -2.67
C ILE A 19 -0.01 3.63 -1.46
N LYS A 20 -0.09 4.83 -0.88
CA LYS A 20 -0.91 5.07 0.30
C LYS A 20 -2.40 4.88 -0.01
N LYS A 21 -2.82 5.24 -1.23
CA LYS A 21 -4.21 5.06 -1.62
C LYS A 21 -4.47 3.62 -2.06
N LYS A 22 -3.46 2.98 -2.66
CA LYS A 22 -3.57 1.56 -3.02
C LYS A 22 -3.79 0.72 -1.75
N LEU A 23 -3.09 1.11 -0.67
CA LEU A 23 -3.29 0.47 0.62
C LEU A 23 -4.74 0.68 1.07
N GLU A 24 -5.18 1.93 1.00
CA GLU A 24 -6.54 2.31 1.35
C GLU A 24 -7.56 1.52 0.52
N LYS A 25 -7.19 1.23 -0.72
CA LYS A 25 -8.01 0.41 -1.61
C LYS A 25 -8.08 -1.02 -1.10
N CYS A 26 -6.92 -1.55 -0.69
CA CYS A 26 -6.82 -2.91 -0.17
C CYS A 26 -7.59 -3.02 1.16
N GLN A 27 -7.76 -1.88 1.83
CA GLN A 27 -8.51 -1.83 3.09
C GLN A 27 -10.02 -1.79 2.82
N ALA A 28 -10.41 -1.95 1.56
CA ALA A 28 -11.81 -2.01 1.19
C ALA A 28 -12.00 -3.09 0.11
N ALA A 1 -6.69 -8.19 -0.42
CA ALA A 1 -5.78 -9.15 -1.08
C ALA A 1 -4.52 -9.36 -0.24
N GLU A 2 -3.77 -10.40 -0.56
CA GLU A 2 -2.55 -10.74 0.18
C GLU A 2 -1.51 -9.64 0.03
N ASP A 3 -1.53 -8.96 -1.11
CA ASP A 3 -0.55 -7.94 -1.43
C ASP A 3 -0.71 -6.72 -0.50
N CYS A 4 -1.82 -6.66 0.23
CA CYS A 4 -2.09 -5.54 1.17
C CYS A 4 -0.91 -5.32 2.11
N GLU A 5 -0.50 -6.38 2.80
CA GLU A 5 0.62 -6.31 3.73
C GLU A 5 1.88 -5.84 2.99
N ARG A 6 2.05 -6.36 1.77
CA ARG A 6 3.19 -6.03 0.92
C ARG A 6 3.19 -4.53 0.60
N ILE A 7 2.00 -4.00 0.31
CA ILE A 7 1.83 -2.58 0.00
C ILE A 7 2.19 -1.73 1.22
N ARG A 8 1.75 -2.18 2.40
CA ARG A 8 2.07 -1.46 3.64
C ARG A 8 3.59 -1.45 3.83
N LYS A 9 4.23 -2.56 3.47
CA LYS A 9 5.69 -2.62 3.49
C LYS A 9 6.25 -1.52 2.58
N GLU A 10 5.70 -1.44 1.37
CA GLU A 10 6.09 -0.40 0.41
C GLU A 10 5.94 0.98 1.04
N LEU A 11 4.91 1.15 1.85
CA LEU A 11 4.69 2.43 2.55
C LEU A 11 5.79 2.65 3.58
N GLU A 12 6.23 1.58 4.24
CA GLU A 12 7.34 1.67 5.18
C GLU A 12 8.60 2.21 4.50
N LYS A 13 8.94 1.64 3.35
CA LYS A 13 10.16 2.01 2.63
C LYS A 13 10.00 3.36 1.94
N ASN A 14 8.89 3.53 1.24
CA ASN A 14 8.64 4.73 0.44
C ASN A 14 7.18 5.19 0.61
N PRO A 15 6.92 6.20 1.45
CA PRO A 15 5.57 6.71 1.71
C PRO A 15 4.99 7.43 0.49
N ASN A 16 4.61 6.65 -0.52
CA ASN A 16 4.03 7.19 -1.75
C ASN A 16 2.52 7.33 -1.61
N ASP A 17 1.97 8.44 -2.09
CA ASP A 17 0.53 8.68 -2.08
C ASP A 17 -0.17 7.68 -3.00
N GLU A 18 0.51 7.33 -4.09
CA GLU A 18 -0.02 6.35 -5.05
C GLU A 18 -0.22 5.01 -4.33
N ILE A 19 0.86 4.49 -3.76
CA ILE A 19 0.84 3.21 -3.05
C ILE A 19 -0.13 3.29 -1.86
N LYS A 20 -0.16 4.44 -1.20
CA LYS A 20 -1.06 4.68 -0.07
C LYS A 20 -2.52 4.53 -0.51
N LYS A 21 -2.86 5.11 -1.66
CA LYS A 21 -4.20 5.01 -2.21
C LYS A 21 -4.53 3.56 -2.54
N LYS A 22 -3.56 2.87 -3.15
CA LYS A 22 -3.73 1.47 -3.51
C LYS A 22 -3.88 0.59 -2.26
N LEU A 23 -3.22 1.00 -1.17
CA LEU A 23 -3.24 0.24 0.08
C LEU A 23 -4.68 0.13 0.62
N GLU A 24 -5.43 1.21 0.49
CA GLU A 24 -6.81 1.25 1.00
C GLU A 24 -7.76 0.50 0.07
N LYS A 25 -7.36 0.32 -1.18
CA LYS A 25 -8.20 -0.36 -2.17
C LYS A 25 -7.57 -1.68 -2.59
N CYS A 26 -6.77 -2.26 -1.71
CA CYS A 26 -6.07 -3.52 -2.00
C CYS A 26 -7.01 -4.72 -1.83
N GLN A 27 -8.29 -4.51 -2.14
CA GLN A 27 -9.31 -5.55 -2.02
C GLN A 27 -8.90 -6.81 -2.78
N ALA A 28 -8.45 -6.61 -4.01
CA ALA A 28 -8.03 -7.70 -4.88
C ALA A 28 -6.90 -7.20 -5.78
N ALA A 1 -2.29 -6.81 -9.60
CA ALA A 1 -2.99 -7.20 -8.36
C ALA A 1 -1.99 -7.70 -7.33
N GLU A 2 -1.67 -6.87 -6.35
CA GLU A 2 -0.72 -7.20 -5.29
C GLU A 2 -1.45 -7.31 -3.95
N ASP A 3 -0.76 -7.84 -2.96
CA ASP A 3 -1.33 -8.07 -1.64
C ASP A 3 -1.23 -6.81 -0.78
N CYS A 4 -2.21 -6.61 0.10
CA CYS A 4 -2.29 -5.41 0.92
C CYS A 4 -1.09 -5.27 1.86
N GLU A 5 -0.61 -6.37 2.42
CA GLU A 5 0.56 -6.33 3.30
C GLU A 5 1.80 -5.96 2.50
N ARG A 6 1.82 -6.38 1.23
CA ARG A 6 2.90 -6.04 0.33
C ARG A 6 2.90 -4.55 0.05
N ILE A 7 1.72 -4.02 -0.28
CA ILE A 7 1.54 -2.57 -0.46
C ILE A 7 1.92 -1.83 0.81
N ARG A 8 1.61 -2.46 1.95
CA ARG A 8 1.98 -1.91 3.26
C ARG A 8 3.49 -1.75 3.33
N LYS A 9 4.21 -2.80 2.98
CA LYS A 9 5.67 -2.78 2.97
C LYS A 9 6.18 -1.71 2.02
N GLU A 10 5.48 -1.52 0.91
CA GLU A 10 5.82 -0.46 -0.04
C GLU A 10 5.60 0.93 0.59
N LEU A 11 4.56 1.05 1.41
CA LEU A 11 4.21 2.33 2.03
C LEU A 11 5.10 2.61 3.23
N GLU A 12 5.58 1.55 3.88
CA GLU A 12 6.50 1.67 5.00
C GLU A 12 7.89 2.04 4.50
N LYS A 13 8.26 1.43 3.37
CA LYS A 13 9.57 1.63 2.75
C LYS A 13 9.60 2.93 1.93
N ASN A 14 8.49 3.22 1.27
CA ASN A 14 8.40 4.39 0.41
C ASN A 14 7.05 5.10 0.60
N PRO A 15 6.99 6.06 1.54
CA PRO A 15 5.80 6.88 1.77
C PRO A 15 5.49 7.72 0.53
N ASN A 16 4.49 7.29 -0.25
CA ASN A 16 4.14 7.97 -1.48
C ASN A 16 2.62 7.97 -1.67
N ASP A 17 2.12 9.04 -2.26
CA ASP A 17 0.68 9.23 -2.50
C ASP A 17 0.07 8.00 -3.16
N GLU A 18 0.70 7.56 -4.25
CA GLU A 18 0.20 6.42 -5.03
C GLU A 18 -0.05 5.21 -4.14
N ILE A 19 1.00 4.79 -3.42
CA ILE A 19 0.95 3.61 -2.59
C ILE A 19 -0.03 3.82 -1.43
N LYS A 20 -0.11 5.06 -0.94
CA LYS A 20 -1.01 5.41 0.15
C LYS A 20 -2.46 5.11 -0.24
N LYS A 21 -2.90 5.69 -1.34
CA LYS A 21 -4.26 5.50 -1.85
C LYS A 21 -4.45 4.06 -2.32
N LYS A 22 -3.36 3.46 -2.77
CA LYS A 22 -3.37 2.08 -3.25
C LYS A 22 -3.69 1.13 -2.09
N LEU A 23 -3.09 1.40 -0.95
CA LEU A 23 -3.31 0.61 0.27
C LEU A 23 -4.69 0.94 0.84
N GLU A 24 -5.01 2.23 0.85
CA GLU A 24 -6.25 2.75 1.44
C GLU A 24 -7.48 1.96 0.99
N LYS A 25 -7.46 1.49 -0.25
CA LYS A 25 -8.60 0.77 -0.82
C LYS A 25 -8.17 -0.60 -1.37
N CYS A 26 -7.04 -1.11 -0.90
CA CYS A 26 -6.54 -2.42 -1.32
C CYS A 26 -7.59 -3.51 -1.02
N GLN A 27 -8.19 -3.40 0.16
CA GLN A 27 -9.27 -4.30 0.57
C GLN A 27 -10.27 -3.53 1.41
N ALA A 28 -11.26 -2.95 0.75
CA ALA A 28 -12.23 -2.08 1.40
C ALA A 28 -13.50 -2.87 1.74
N ALA A 1 -0.79 -7.16 -9.14
CA ALA A 1 -1.34 -8.10 -8.15
C ALA A 1 -0.45 -8.10 -6.91
N GLU A 2 -0.90 -7.40 -5.87
CA GLU A 2 -0.11 -7.19 -4.67
C GLU A 2 -1.00 -7.20 -3.43
N ASP A 3 -0.56 -7.93 -2.42
CA ASP A 3 -1.30 -8.12 -1.17
C ASP A 3 -1.28 -6.85 -0.32
N CYS A 4 -2.18 -6.78 0.66
CA CYS A 4 -2.30 -5.61 1.53
C CYS A 4 -1.08 -5.49 2.43
N GLU A 5 -0.61 -6.62 2.95
CA GLU A 5 0.62 -6.65 3.74
C GLU A 5 1.79 -6.14 2.90
N ARG A 6 1.78 -6.53 1.63
CA ARG A 6 2.82 -6.16 0.68
C ARG A 6 2.79 -4.66 0.41
N ILE A 7 1.63 -4.14 0.01
CA ILE A 7 1.45 -2.71 -0.22
C ILE A 7 1.83 -1.92 1.04
N ARG A 8 1.43 -2.44 2.20
CA ARG A 8 1.76 -1.85 3.49
C ARG A 8 3.27 -1.80 3.67
N LYS A 9 3.90 -2.91 3.35
CA LYS A 9 5.35 -3.08 3.47
C LYS A 9 6.07 -2.07 2.57
N GLU A 10 5.60 -1.93 1.33
CA GLU A 10 6.17 -0.96 0.39
C GLU A 10 5.85 0.48 0.80
N LEU A 11 4.74 0.66 1.52
CA LEU A 11 4.39 1.99 2.04
C LEU A 11 5.36 2.36 3.15
N GLU A 12 5.58 1.41 4.06
CA GLU A 12 6.49 1.59 5.17
C GLU A 12 7.92 1.69 4.65
N LYS A 13 8.14 1.16 3.46
CA LYS A 13 9.40 1.32 2.75
C LYS A 13 9.54 2.75 2.24
N ASN A 14 8.53 3.20 1.50
CA ASN A 14 8.56 4.51 0.84
C ASN A 14 7.21 5.22 0.99
N PRO A 15 7.08 6.11 2.01
CA PRO A 15 5.85 6.88 2.22
C PRO A 15 5.53 7.80 1.04
N ASN A 16 4.46 7.50 0.32
CA ASN A 16 4.12 8.23 -0.91
C ASN A 16 2.61 8.18 -1.13
N ASP A 17 2.07 9.26 -1.68
CA ASP A 17 0.63 9.40 -1.93
C ASP A 17 0.09 8.20 -2.70
N GLU A 18 0.84 7.78 -3.71
CA GLU A 18 0.44 6.67 -4.57
C GLU A 18 0.09 5.43 -3.74
N ILE A 19 1.05 4.98 -2.92
CA ILE A 19 0.86 3.76 -2.14
C ILE A 19 -0.21 3.97 -1.08
N LYS A 20 -0.20 5.16 -0.47
CA LYS A 20 -1.20 5.55 0.53
C LYS A 20 -2.61 5.37 -0.03
N LYS A 21 -2.79 5.76 -1.28
CA LYS A 21 -4.09 5.69 -1.94
C LYS A 21 -4.36 4.25 -2.40
N LYS A 22 -3.32 3.57 -2.87
CA LYS A 22 -3.46 2.22 -3.41
C LYS A 22 -3.72 1.19 -2.30
N LEU A 23 -3.32 1.51 -1.07
CA LEU A 23 -3.53 0.60 0.05
C LEU A 23 -5.03 0.33 0.25
N GLU A 24 -5.84 1.34 -0.07
CA GLU A 24 -7.29 1.25 0.12
C GLU A 24 -7.89 0.05 -0.64
N LYS A 25 -7.35 -0.21 -1.83
CA LYS A 25 -7.90 -1.25 -2.70
C LYS A 25 -7.27 -2.61 -2.39
N CYS A 26 -6.33 -2.64 -1.43
CA CYS A 26 -5.58 -3.86 -1.10
C CYS A 26 -6.55 -4.99 -0.76
N GLN A 27 -7.43 -4.73 0.19
CA GLN A 27 -8.49 -5.67 0.53
C GLN A 27 -9.73 -5.30 -0.25
N ALA A 28 -9.92 -5.95 -1.39
CA ALA A 28 -11.04 -5.66 -2.27
C ALA A 28 -12.36 -6.04 -1.59
N ALA A 1 2.97 -11.87 -5.34
CA ALA A 1 1.68 -11.15 -5.36
C ALA A 1 1.72 -9.93 -4.46
N GLU A 2 1.21 -8.81 -4.94
CA GLU A 2 1.20 -7.58 -4.17
C GLU A 2 -0.09 -7.46 -3.36
N ASP A 3 -0.07 -8.09 -2.19
CA ASP A 3 -1.20 -8.08 -1.27
C ASP A 3 -1.20 -6.82 -0.40
N CYS A 4 -2.08 -6.77 0.60
CA CYS A 4 -2.21 -5.60 1.48
C CYS A 4 -0.99 -5.41 2.36
N GLU A 5 -0.43 -6.50 2.89
CA GLU A 5 0.77 -6.41 3.72
C GLU A 5 1.94 -5.96 2.85
N ARG A 6 1.96 -6.49 1.62
CA ARG A 6 2.96 -6.12 0.63
C ARG A 6 2.96 -4.61 0.41
N ILE A 7 1.83 -4.10 -0.09
CA ILE A 7 1.68 -2.68 -0.40
C ILE A 7 1.84 -1.82 0.85
N ARG A 8 1.32 -2.30 1.98
CA ARG A 8 1.43 -1.56 3.25
C ARG A 8 2.89 -1.38 3.62
N LYS A 9 3.65 -2.46 3.50
CA LYS A 9 5.04 -2.47 3.90
C LYS A 9 5.88 -1.70 2.88
N GLU A 10 5.43 -1.66 1.63
CA GLU A 10 6.11 -0.89 0.59
C GLU A 10 5.77 0.60 0.71
N LEU A 11 4.67 0.90 1.39
CA LEU A 11 4.35 2.28 1.79
C LEU A 11 5.20 2.63 3.01
N GLU A 12 5.28 1.66 3.92
CA GLU A 12 6.14 1.73 5.10
C GLU A 12 7.60 1.91 4.67
N LYS A 13 7.94 1.30 3.55
CA LYS A 13 9.28 1.38 2.99
C LYS A 13 9.45 2.66 2.19
N ASN A 14 8.48 2.96 1.32
CA ASN A 14 8.56 4.12 0.43
C ASN A 14 7.32 4.98 0.63
N PRO A 15 7.39 6.00 1.53
CA PRO A 15 6.28 6.92 1.77
C PRO A 15 5.93 7.72 0.51
N ASN A 16 4.98 7.20 -0.26
CA ASN A 16 4.55 7.84 -1.50
C ASN A 16 3.01 7.84 -1.58
N ASP A 17 2.45 8.97 -1.99
CA ASP A 17 1.00 9.17 -2.02
C ASP A 17 0.30 8.11 -2.87
N GLU A 18 0.91 7.76 -4.00
CA GLU A 18 0.37 6.72 -4.89
C GLU A 18 0.20 5.40 -4.14
N ILE A 19 1.23 5.01 -3.40
CA ILE A 19 1.18 3.75 -2.64
C ILE A 19 0.15 3.87 -1.52
N LYS A 20 0.13 5.03 -0.88
CA LYS A 20 -0.86 5.34 0.17
C LYS A 20 -2.28 5.20 -0.39
N LYS A 21 -2.43 5.57 -1.66
CA LYS A 21 -3.73 5.54 -2.33
C LYS A 21 -4.06 4.15 -2.83
N LYS A 22 -3.03 3.39 -3.19
CA LYS A 22 -3.20 2.03 -3.70
C LYS A 22 -3.42 1.04 -2.56
N LEU A 23 -3.00 1.42 -1.36
CA LEU A 23 -3.25 0.61 -0.17
C LEU A 23 -4.76 0.45 0.01
N GLU A 24 -5.49 1.52 -0.32
CA GLU A 24 -6.95 1.52 -0.25
C GLU A 24 -7.55 0.44 -1.17
N LYS A 25 -6.79 0.08 -2.20
CA LYS A 25 -7.25 -0.84 -3.23
C LYS A 25 -6.42 -2.13 -3.21
N CYS A 26 -5.69 -2.34 -2.12
CA CYS A 26 -4.85 -3.53 -1.96
C CYS A 26 -5.71 -4.79 -1.97
N GLN A 27 -6.94 -4.64 -1.48
CA GLN A 27 -7.89 -5.74 -1.35
C GLN A 27 -9.16 -5.42 -2.11
N ALA A 28 -9.37 -6.09 -3.24
CA ALA A 28 -10.55 -5.88 -4.05
C ALA A 28 -11.73 -6.66 -3.49
N ALA A 1 -6.55 -6.01 -6.27
CA ALA A 1 -5.41 -5.78 -5.35
C ALA A 1 -5.18 -6.99 -4.47
N GLU A 2 -4.02 -7.63 -4.60
CA GLU A 2 -3.78 -8.91 -3.96
C GLU A 2 -3.08 -8.75 -2.60
N ASP A 3 -1.77 -8.54 -2.64
CA ASP A 3 -0.95 -8.54 -1.43
C ASP A 3 -0.97 -7.17 -0.76
N CYS A 4 -2.10 -6.83 -0.16
CA CYS A 4 -2.28 -5.52 0.47
C CYS A 4 -1.26 -5.28 1.58
N GLU A 5 -1.05 -6.27 2.43
CA GLU A 5 -0.10 -6.11 3.54
C GLU A 5 1.34 -5.99 3.02
N ARG A 6 1.59 -6.57 1.85
CA ARG A 6 2.88 -6.39 1.20
C ARG A 6 3.01 -4.96 0.71
N ILE A 7 1.92 -4.42 0.17
CA ILE A 7 1.89 -3.01 -0.24
C ILE A 7 2.10 -2.11 0.98
N ARG A 8 1.52 -2.54 2.10
CA ARG A 8 1.74 -1.88 3.39
C ARG A 8 3.24 -1.82 3.67
N LYS A 9 3.90 -2.97 3.51
CA LYS A 9 5.34 -3.06 3.66
C LYS A 9 6.06 -2.11 2.69
N GLU A 10 5.60 -2.11 1.44
CA GLU A 10 6.21 -1.27 0.40
C GLU A 10 6.01 0.20 0.72
N LEU A 11 4.91 0.52 1.40
CA LEU A 11 4.61 1.89 1.79
C LEU A 11 5.43 2.28 3.01
N GLU A 12 5.68 1.31 3.88
CA GLU A 12 6.50 1.49 5.06
C GLU A 12 7.93 1.86 4.65
N LYS A 13 8.40 1.22 3.59
CA LYS A 13 9.72 1.49 3.03
C LYS A 13 9.67 2.72 2.12
N ASN A 14 8.64 2.79 1.29
CA ASN A 14 8.51 3.85 0.28
C ASN A 14 7.20 4.63 0.48
N PRO A 15 7.27 5.79 1.16
CA PRO A 15 6.09 6.61 1.44
C PRO A 15 5.73 7.56 0.30
N ASN A 16 4.59 7.30 -0.35
CA ASN A 16 4.10 8.14 -1.45
C ASN A 16 2.59 8.09 -1.48
N ASP A 17 1.94 9.23 -1.71
CA ASP A 17 0.47 9.34 -1.66
C ASP A 17 -0.18 8.32 -2.60
N GLU A 18 0.39 8.16 -3.79
CA GLU A 18 -0.13 7.20 -4.75
C GLU A 18 -0.19 5.81 -4.11
N ILE A 19 0.96 5.34 -3.63
CA ILE A 19 1.06 4.02 -2.99
C ILE A 19 0.15 3.96 -1.76
N LYS A 20 0.05 5.10 -1.05
CA LYS A 20 -0.80 5.21 0.12
C LYS A 20 -2.25 4.88 -0.22
N LYS A 21 -2.74 5.39 -1.35
CA LYS A 21 -4.11 5.10 -1.79
C LYS A 21 -4.21 3.75 -2.50
N LYS A 22 -3.11 3.30 -3.11
CA LYS A 22 -3.09 1.97 -3.71
C LYS A 22 -3.17 0.92 -2.60
N LEU A 23 -2.71 1.30 -1.40
CA LEU A 23 -2.86 0.47 -0.21
C LEU A 23 -4.26 0.64 0.38
N GLU A 24 -4.70 1.90 0.44
CA GLU A 24 -6.04 2.22 0.94
C GLU A 24 -7.08 1.34 0.25
N LYS A 25 -7.20 1.48 -1.06
CA LYS A 25 -8.22 0.77 -1.84
C LYS A 25 -7.76 -0.63 -2.20
N CYS A 26 -6.87 -1.19 -1.41
CA CYS A 26 -6.47 -2.58 -1.55
C CYS A 26 -7.20 -3.43 -0.52
N GLN A 27 -7.46 -2.84 0.64
CA GLN A 27 -8.08 -3.53 1.77
C GLN A 27 -9.30 -2.77 2.30
N ALA A 28 -9.39 -1.49 1.95
CA ALA A 28 -10.49 -0.64 2.41
C ALA A 28 -11.43 -0.34 1.24
N ALA A 1 -7.93 -4.43 -4.13
CA ALA A 1 -6.52 -4.22 -3.70
C ALA A 1 -6.01 -5.45 -2.96
N GLU A 2 -5.15 -6.22 -3.62
CA GLU A 2 -4.55 -7.41 -3.05
C GLU A 2 -3.07 -7.18 -2.76
N ASP A 3 -2.41 -8.17 -2.15
CA ASP A 3 -1.02 -8.04 -1.72
C ASP A 3 -0.86 -6.84 -0.79
N CYS A 4 -1.91 -6.59 -0.01
CA CYS A 4 -2.00 -5.44 0.87
C CYS A 4 -0.78 -5.30 1.78
N GLU A 5 -0.27 -6.42 2.28
CA GLU A 5 0.85 -6.39 3.22
C GLU A 5 2.14 -6.00 2.52
N ARG A 6 2.30 -6.50 1.29
CA ARG A 6 3.44 -6.12 0.46
C ARG A 6 3.41 -4.60 0.22
N ILE A 7 2.22 -4.11 -0.12
CA ILE A 7 1.97 -2.69 -0.31
C ILE A 7 2.26 -1.92 0.97
N ARG A 8 1.84 -2.49 2.09
CA ARG A 8 1.97 -1.87 3.40
C ARG A 8 3.45 -1.65 3.73
N LYS A 9 4.26 -2.67 3.44
CA LYS A 9 5.70 -2.59 3.70
C LYS A 9 6.40 -1.63 2.75
N GLU A 10 6.02 -1.66 1.47
CA GLU A 10 6.60 -0.75 0.50
C GLU A 10 6.31 0.69 0.88
N LEU A 11 5.11 0.91 1.42
CA LEU A 11 4.68 2.25 1.84
C LEU A 11 5.38 2.62 3.16
N GLU A 12 5.59 1.63 4.01
CA GLU A 12 6.27 1.81 5.27
C GLU A 12 7.67 2.40 5.04
N LYS A 13 8.35 1.88 4.02
CA LYS A 13 9.66 2.39 3.64
C LYS A 13 9.54 3.66 2.78
N ASN A 14 8.91 3.52 1.62
CA ASN A 14 8.81 4.60 0.64
C ASN A 14 7.44 5.27 0.69
N PRO A 15 7.40 6.61 0.78
CA PRO A 15 6.15 7.37 0.90
C PRO A 15 5.49 7.60 -0.46
N ASN A 16 5.28 6.53 -1.21
CA ASN A 16 4.70 6.61 -2.56
C ASN A 16 3.21 6.90 -2.48
N ASP A 17 2.76 7.88 -3.26
CA ASP A 17 1.36 8.32 -3.23
C ASP A 17 0.43 7.19 -3.62
N GLU A 18 0.62 6.66 -4.83
CA GLU A 18 -0.19 5.56 -5.35
C GLU A 18 -0.25 4.40 -4.35
N ILE A 19 0.89 4.06 -3.79
CA ILE A 19 0.98 2.96 -2.83
C ILE A 19 0.18 3.26 -1.57
N LYS A 20 0.29 4.50 -1.10
CA LYS A 20 -0.46 4.95 0.08
C LYS A 20 -1.97 4.89 -0.18
N LYS A 21 -2.38 5.26 -1.38
CA LYS A 21 -3.80 5.26 -1.74
C LYS A 21 -4.33 3.84 -1.83
N LYS A 22 -3.56 2.97 -2.46
CA LYS A 22 -3.95 1.56 -2.57
C LYS A 22 -3.87 0.87 -1.20
N LEU A 23 -2.97 1.37 -0.37
CA LEU A 23 -2.83 0.87 1.00
C LEU A 23 -4.05 1.31 1.82
N GLU A 24 -4.63 2.45 1.46
CA GLU A 24 -5.84 2.95 2.12
C GLU A 24 -6.98 1.95 1.93
N LYS A 25 -7.05 1.35 0.74
CA LYS A 25 -8.05 0.34 0.44
C LYS A 25 -7.65 -1.02 1.04
N CYS A 26 -6.55 -1.02 1.77
CA CYS A 26 -6.09 -2.18 2.53
C CYS A 26 -5.85 -1.79 3.98
N GLN A 27 -6.37 -0.61 4.34
CA GLN A 27 -6.19 -0.05 5.67
C GLN A 27 -7.42 -0.31 6.52
N ALA A 28 -8.57 0.18 6.05
CA ALA A 28 -9.85 0.02 6.74
C ALA A 28 -10.62 -1.15 6.14
N ALA A 1 -4.73 -10.38 -2.04
CA ALA A 1 -5.30 -10.49 -0.68
C ALA A 1 -4.27 -10.07 0.37
N GLU A 2 -3.33 -10.97 0.68
CA GLU A 2 -2.33 -10.73 1.72
C GLU A 2 -1.30 -9.69 1.27
N ASP A 3 -1.23 -9.49 -0.05
CA ASP A 3 -0.29 -8.53 -0.63
C ASP A 3 -0.50 -7.11 -0.12
N CYS A 4 -1.65 -6.87 0.51
CA CYS A 4 -1.92 -5.59 1.17
C CYS A 4 -0.78 -5.25 2.13
N GLU A 5 -0.29 -6.29 2.83
CA GLU A 5 0.81 -6.15 3.76
C GLU A 5 2.07 -5.70 3.03
N ARG A 6 2.30 -6.25 1.84
CA ARG A 6 3.43 -5.87 1.00
C ARG A 6 3.34 -4.40 0.61
N ILE A 7 2.16 -3.99 0.15
CA ILE A 7 1.91 -2.61 -0.26
C ILE A 7 2.22 -1.65 0.89
N ARG A 8 1.74 -1.99 2.07
CA ARG A 8 2.00 -1.19 3.27
C ARG A 8 3.51 -1.17 3.55
N LYS A 9 4.11 -2.34 3.40
CA LYS A 9 5.55 -2.52 3.65
C LYS A 9 6.37 -1.69 2.65
N GLU A 10 5.83 -1.52 1.46
CA GLU A 10 6.44 -0.65 0.46
C GLU A 10 6.21 0.81 0.83
N LEU A 11 5.03 1.08 1.38
CA LEU A 11 4.60 2.43 1.71
C LEU A 11 5.42 3.01 2.86
N GLU A 12 5.74 2.17 3.84
CA GLU A 12 6.56 2.60 4.97
C GLU A 12 8.01 2.84 4.53
N LYS A 13 8.45 2.14 3.49
CA LYS A 13 9.79 2.34 2.92
C LYS A 13 9.79 3.59 2.04
N ASN A 14 8.74 3.73 1.24
CA ASN A 14 8.64 4.79 0.25
C ASN A 14 7.28 5.47 0.33
N PRO A 15 7.20 6.60 1.05
CA PRO A 15 5.95 7.37 1.19
C PRO A 15 5.50 7.95 -0.15
N ASN A 16 4.27 7.65 -0.55
CA ASN A 16 3.74 8.09 -1.83
C ASN A 16 2.22 8.06 -1.76
N ASP A 17 1.59 9.17 -2.14
CA ASP A 17 0.14 9.31 -2.07
C ASP A 17 -0.55 8.22 -2.89
N GLU A 18 0.05 7.88 -4.02
CA GLU A 18 -0.48 6.84 -4.91
C GLU A 18 -0.51 5.49 -4.18
N ILE A 19 0.64 5.11 -3.61
CA ILE A 19 0.75 3.86 -2.88
C ILE A 19 -0.18 3.89 -1.66
N LYS A 20 -0.30 5.06 -1.04
CA LYS A 20 -1.22 5.25 0.07
C LYS A 20 -2.65 4.94 -0.38
N LYS A 21 -3.03 5.40 -1.58
CA LYS A 21 -4.34 5.09 -2.15
C LYS A 21 -4.49 3.58 -2.28
N LYS A 22 -3.46 2.95 -2.84
CA LYS A 22 -3.45 1.50 -3.02
C LYS A 22 -3.43 0.76 -1.68
N LEU A 23 -3.02 1.45 -0.63
CA LEU A 23 -3.09 0.89 0.72
C LEU A 23 -4.52 1.06 1.26
N GLU A 24 -5.16 2.18 0.93
CA GLU A 24 -6.53 2.43 1.35
C GLU A 24 -7.48 1.42 0.68
N LYS A 25 -7.13 1.04 -0.55
CA LYS A 25 -7.89 0.03 -1.29
C LYS A 25 -6.93 -0.91 -2.02
N CYS A 26 -6.55 -1.99 -1.34
CA CYS A 26 -5.56 -2.94 -1.84
C CYS A 26 -6.24 -4.12 -2.53
N GLN A 27 -7.44 -4.46 -2.07
CA GLN A 27 -8.23 -5.52 -2.69
C GLN A 27 -8.55 -5.16 -4.13
N ALA A 28 -8.67 -3.86 -4.38
CA ALA A 28 -8.89 -3.32 -5.71
C ALA A 28 -8.12 -2.01 -5.85
N ALA A 1 -2.00 -9.66 -9.24
CA ALA A 1 -2.70 -9.78 -7.95
C ALA A 1 -1.95 -9.04 -6.86
N GLU A 2 -2.64 -8.12 -6.19
CA GLU A 2 -2.03 -7.33 -5.12
C GLU A 2 -2.12 -8.04 -3.78
N ASP A 3 -1.23 -7.68 -2.86
CA ASP A 3 -1.24 -8.23 -1.51
C ASP A 3 -1.07 -7.09 -0.50
N CYS A 4 -2.06 -6.91 0.36
CA CYS A 4 -2.12 -5.77 1.26
C CYS A 4 -0.89 -5.68 2.16
N GLU A 5 -0.42 -6.80 2.68
CA GLU A 5 0.75 -6.81 3.57
C GLU A 5 1.98 -6.35 2.81
N ARG A 6 2.14 -6.85 1.59
CA ARG A 6 3.27 -6.48 0.74
C ARG A 6 3.22 -4.99 0.41
N ILE A 7 2.03 -4.51 0.07
CA ILE A 7 1.84 -3.10 -0.27
C ILE A 7 2.09 -2.21 0.95
N ARG A 8 1.63 -2.66 2.13
CA ARG A 8 1.85 -1.93 3.37
C ARG A 8 3.35 -1.76 3.61
N LYS A 9 4.08 -2.87 3.62
CA LYS A 9 5.51 -2.86 3.89
C LYS A 9 6.25 -2.08 2.80
N GLU A 10 5.78 -2.19 1.56
CA GLU A 10 6.36 -1.49 0.44
C GLU A 10 6.16 0.02 0.60
N LEU A 11 5.01 0.40 1.17
CA LEU A 11 4.71 1.80 1.43
C LEU A 11 5.59 2.29 2.57
N GLU A 12 5.80 1.42 3.55
CA GLU A 12 6.67 1.71 4.68
C GLU A 12 8.10 1.96 4.20
N LYS A 13 8.52 1.22 3.19
CA LYS A 13 9.86 1.35 2.64
C LYS A 13 9.94 2.55 1.69
N ASN A 14 8.94 2.68 0.83
CA ASN A 14 8.90 3.73 -0.17
C ASN A 14 7.62 4.57 -0.01
N PRO A 15 7.72 5.76 0.60
CA PRO A 15 6.57 6.64 0.79
C PRO A 15 6.06 7.19 -0.54
N ASN A 16 4.81 6.91 -0.87
CA ASN A 16 4.20 7.36 -2.11
C ASN A 16 2.70 7.55 -1.96
N ASP A 17 2.21 8.72 -2.37
CA ASP A 17 0.80 9.07 -2.25
C ASP A 17 -0.09 8.03 -2.91
N GLU A 18 0.16 7.75 -4.18
CA GLU A 18 -0.66 6.81 -4.96
C GLU A 18 -0.75 5.46 -4.26
N ILE A 19 0.40 4.86 -3.97
CA ILE A 19 0.45 3.56 -3.32
C ILE A 19 -0.33 3.59 -2.01
N LYS A 20 -0.15 4.66 -1.23
CA LYS A 20 -0.82 4.81 0.06
C LYS A 20 -2.34 4.91 -0.15
N LYS A 21 -2.75 5.63 -1.19
CA LYS A 21 -4.17 5.85 -1.48
C LYS A 21 -4.83 4.59 -2.03
N LYS A 22 -4.05 3.74 -2.69
CA LYS A 22 -4.55 2.43 -3.13
C LYS A 22 -4.60 1.46 -1.95
N LEU A 23 -3.62 1.59 -1.06
CA LEU A 23 -3.56 0.79 0.17
C LEU A 23 -4.81 1.06 1.01
N GLU A 24 -5.29 2.30 0.94
CA GLU A 24 -6.48 2.73 1.68
C GLU A 24 -7.69 1.86 1.32
N LYS A 25 -7.71 1.36 0.08
CA LYS A 25 -8.83 0.55 -0.42
C LYS A 25 -8.38 -0.90 -0.64
N CYS A 26 -7.22 -1.24 -0.08
CA CYS A 26 -6.65 -2.58 -0.27
C CYS A 26 -7.52 -3.62 0.40
N GLN A 27 -8.45 -4.15 -0.36
CA GLN A 27 -9.33 -5.22 0.08
C GLN A 27 -9.99 -5.83 -1.15
N ALA A 28 -10.61 -4.97 -1.95
CA ALA A 28 -11.31 -5.38 -3.15
C ALA A 28 -11.58 -4.16 -4.03
N ALA A 1 -8.88 -7.26 -1.24
CA ALA A 1 -8.06 -6.97 -0.04
C ALA A 1 -7.04 -8.09 0.18
N GLU A 2 -5.93 -8.00 -0.55
CA GLU A 2 -4.84 -8.97 -0.46
C GLU A 2 -3.54 -8.29 -0.85
N ASP A 3 -2.42 -8.81 -0.33
CA ASP A 3 -1.11 -8.20 -0.51
C ASP A 3 -1.09 -6.77 0.05
N CYS A 4 -2.05 -6.47 0.92
CA CYS A 4 -2.13 -5.18 1.57
C CYS A 4 -0.91 -4.99 2.46
N GLU A 5 -0.40 -6.09 3.01
CA GLU A 5 0.83 -6.06 3.80
C GLU A 5 2.03 -5.73 2.90
N ARG A 6 1.97 -6.20 1.65
CA ARG A 6 3.03 -5.93 0.68
C ARG A 6 3.06 -4.43 0.36
N ILE A 7 1.90 -3.90 0.01
CA ILE A 7 1.75 -2.47 -0.28
C ILE A 7 2.12 -1.64 0.96
N ARG A 8 1.62 -2.09 2.11
CA ARG A 8 1.94 -1.51 3.41
C ARG A 8 3.45 -1.34 3.58
N LYS A 9 4.18 -2.44 3.38
CA LYS A 9 5.63 -2.42 3.54
C LYS A 9 6.27 -1.44 2.56
N GLU A 10 5.89 -1.54 1.29
CA GLU A 10 6.41 -0.64 0.26
C GLU A 10 6.11 0.82 0.60
N LEU A 11 4.99 1.06 1.27
CA LEU A 11 4.63 2.42 1.68
C LEU A 11 5.52 2.88 2.83
N GLU A 12 5.84 1.95 3.72
CA GLU A 12 6.76 2.22 4.83
C GLU A 12 8.18 2.37 4.30
N LYS A 13 8.46 1.70 3.18
CA LYS A 13 9.77 1.78 2.53
C LYS A 13 9.85 3.03 1.65
N ASN A 14 8.71 3.44 1.12
CA ASN A 14 8.62 4.59 0.23
C ASN A 14 7.28 5.30 0.43
N PRO A 15 7.27 6.42 1.18
CA PRO A 15 6.04 7.14 1.51
C PRO A 15 5.50 7.94 0.32
N ASN A 16 4.98 7.20 -0.67
CA ASN A 16 4.43 7.82 -1.87
C ASN A 16 2.91 7.90 -1.78
N ASP A 17 2.37 9.07 -2.09
CA ASP A 17 0.93 9.31 -1.99
C ASP A 17 0.15 8.30 -2.83
N GLU A 18 0.75 7.87 -3.93
CA GLU A 18 0.15 6.88 -4.82
C GLU A 18 -0.01 5.55 -4.07
N ILE A 19 1.10 5.06 -3.51
CA ILE A 19 1.10 3.80 -2.76
C ILE A 19 0.16 3.91 -1.56
N LYS A 20 0.12 5.09 -0.95
CA LYS A 20 -0.81 5.39 0.14
C LYS A 20 -2.25 5.22 -0.34
N LYS A 21 -2.53 5.77 -1.52
CA LYS A 21 -3.86 5.71 -2.11
C LYS A 21 -4.25 4.25 -2.40
N LYS A 22 -3.26 3.46 -2.81
CA LYS A 22 -3.46 2.04 -3.07
C LYS A 22 -3.76 1.27 -1.78
N LEU A 23 -3.00 1.57 -0.74
CA LEU A 23 -3.17 0.91 0.55
C LEU A 23 -4.51 1.29 1.18
N GLU A 24 -4.99 2.47 0.82
CA GLU A 24 -6.30 2.95 1.24
C GLU A 24 -7.39 1.95 0.87
N LYS A 25 -7.41 1.54 -0.39
CA LYS A 25 -8.41 0.60 -0.89
C LYS A 25 -8.07 -0.82 -0.48
N CYS A 26 -6.82 -1.03 -0.05
CA CYS A 26 -6.35 -2.32 0.44
C CYS A 26 -6.42 -2.33 1.97
N GLN A 27 -7.39 -1.61 2.52
CA GLN A 27 -7.59 -1.55 3.96
C GLN A 27 -8.08 -2.90 4.49
N ALA A 28 -7.12 -3.81 4.70
CA ALA A 28 -7.41 -5.14 5.22
C ALA A 28 -8.00 -5.04 6.62
N ALA A 1 -6.77 -3.54 -3.74
CA ALA A 1 -5.46 -4.18 -3.52
C ALA A 1 -5.60 -5.39 -2.60
N GLU A 2 -4.87 -6.47 -2.90
CA GLU A 2 -4.97 -7.72 -2.15
C GLU A 2 -3.75 -7.92 -1.25
N ASP A 3 -2.63 -7.30 -1.63
CA ASP A 3 -1.37 -7.46 -0.89
C ASP A 3 -1.19 -6.33 0.13
N CYS A 4 -1.89 -6.44 1.24
CA CYS A 4 -1.90 -5.39 2.26
C CYS A 4 -0.54 -5.26 2.94
N GLU A 5 0.00 -6.37 3.47
CA GLU A 5 1.26 -6.31 4.21
C GLU A 5 2.38 -5.85 3.28
N ARG A 6 2.38 -6.38 2.05
CA ARG A 6 3.38 -6.02 1.06
C ARG A 6 3.34 -4.52 0.79
N ILE A 7 2.20 -4.05 0.27
CA ILE A 7 2.05 -2.66 -0.13
C ILE A 7 2.35 -1.71 1.03
N ARG A 8 1.95 -2.10 2.24
CA ARG A 8 2.21 -1.29 3.42
C ARG A 8 3.71 -1.18 3.68
N LYS A 9 4.38 -2.33 3.64
CA LYS A 9 5.83 -2.38 3.84
C LYS A 9 6.56 -1.58 2.76
N GLU A 10 6.09 -1.72 1.52
CA GLU A 10 6.68 -1.03 0.39
C GLU A 10 6.36 0.47 0.45
N LEU A 11 5.23 0.79 1.04
CA LEU A 11 4.79 2.18 1.18
C LEU A 11 5.67 2.92 2.17
N GLU A 12 5.86 2.33 3.34
CA GLU A 12 6.65 2.95 4.39
C GLU A 12 8.11 3.10 3.98
N LYS A 13 8.63 2.14 3.23
CA LYS A 13 10.01 2.21 2.75
C LYS A 13 10.14 3.10 1.51
N ASN A 14 9.00 3.35 0.85
CA ASN A 14 8.97 4.16 -0.36
C ASN A 14 7.68 4.99 -0.40
N PRO A 15 7.70 6.18 0.25
CA PRO A 15 6.51 7.02 0.46
C PRO A 15 5.93 7.56 -0.85
N ASN A 16 4.82 6.98 -1.29
CA ASN A 16 4.11 7.44 -2.49
C ASN A 16 2.61 7.39 -2.28
N ASP A 17 1.94 8.47 -2.67
CA ASP A 17 0.52 8.66 -2.41
C ASP A 17 -0.34 7.57 -3.05
N GLU A 18 -0.08 7.29 -4.32
CA GLU A 18 -0.86 6.28 -5.06
C GLU A 18 -0.77 4.92 -4.36
N ILE A 19 0.44 4.57 -3.93
CA ILE A 19 0.67 3.32 -3.21
C ILE A 19 -0.06 3.35 -1.87
N LYS A 20 -0.08 4.52 -1.24
CA LYS A 20 -0.80 4.69 0.02
C LYS A 20 -2.30 4.48 -0.19
N LYS A 21 -2.80 4.94 -1.34
CA LYS A 21 -4.20 4.78 -1.70
C LYS A 21 -4.49 3.32 -2.06
N LYS A 22 -3.46 2.62 -2.56
CA LYS A 22 -3.55 1.19 -2.79
C LYS A 22 -3.74 0.45 -1.46
N LEU A 23 -2.94 0.81 -0.46
CA LEU A 23 -3.06 0.24 0.88
C LEU A 23 -4.43 0.59 1.46
N GLU A 24 -4.82 1.84 1.25
CA GLU A 24 -6.15 2.34 1.63
C GLU A 24 -7.24 1.38 1.15
N LYS A 25 -7.11 0.95 -0.11
CA LYS A 25 -8.09 0.05 -0.72
C LYS A 25 -7.59 -1.39 -0.68
N CYS A 26 -6.91 -1.74 0.40
CA CYS A 26 -6.49 -3.11 0.66
C CYS A 26 -7.08 -3.60 1.98
N GLN A 27 -6.82 -2.84 3.04
CA GLN A 27 -7.35 -3.15 4.36
C GLN A 27 -8.83 -2.76 4.45
N ALA A 28 -9.68 -3.64 3.95
CA ALA A 28 -11.12 -3.40 3.94
C ALA A 28 -11.85 -4.56 4.63
N ALA A 1 -4.84 -9.04 -5.79
CA ALA A 1 -5.30 -9.76 -4.58
C ALA A 1 -5.33 -8.81 -3.38
N GLU A 2 -5.48 -9.38 -2.18
CA GLU A 2 -5.38 -8.60 -0.96
C GLU A 2 -3.90 -8.28 -0.65
N ASP A 3 -3.28 -7.55 -1.57
CA ASP A 3 -1.85 -7.23 -1.48
C ASP A 3 -1.60 -6.08 -0.51
N CYS A 4 -2.58 -5.79 0.35
CA CYS A 4 -2.46 -4.71 1.33
C CYS A 4 -1.17 -4.82 2.13
N GLU A 5 -0.82 -6.03 2.56
CA GLU A 5 0.39 -6.26 3.33
C GLU A 5 1.64 -5.89 2.51
N ARG A 6 1.62 -6.23 1.23
CA ARG A 6 2.72 -5.95 0.32
C ARG A 6 2.92 -4.43 0.21
N ILE A 7 1.85 -3.77 -0.21
CA ILE A 7 1.85 -2.33 -0.42
C ILE A 7 2.15 -1.60 0.90
N ARG A 8 1.62 -2.14 2.00
CA ARG A 8 1.87 -1.60 3.33
C ARG A 8 3.35 -1.63 3.65
N LYS A 9 3.97 -2.76 3.39
CA LYS A 9 5.39 -2.94 3.65
C LYS A 9 6.22 -1.98 2.81
N GLU A 10 5.82 -1.80 1.55
CA GLU A 10 6.49 -0.84 0.67
C GLU A 10 6.25 0.58 1.17
N LEU A 11 5.03 0.82 1.66
CA LEU A 11 4.59 2.14 2.10
C LEU A 11 5.32 2.49 3.40
N GLU A 12 5.61 1.46 4.18
CA GLU A 12 6.34 1.58 5.43
C GLU A 12 7.64 2.34 5.20
N LYS A 13 8.31 2.02 4.09
CA LYS A 13 9.53 2.72 3.70
C LYS A 13 9.19 4.02 2.96
N ASN A 14 8.48 3.89 1.85
CA ASN A 14 8.17 5.02 0.98
C ASN A 14 6.70 5.41 1.11
N PRO A 15 6.40 6.54 1.80
CA PRO A 15 5.03 7.01 2.01
C PRO A 15 4.46 7.72 0.79
N ASN A 16 4.70 7.16 -0.40
CA ASN A 16 4.25 7.75 -1.65
C ASN A 16 2.73 7.85 -1.69
N ASP A 17 2.22 8.98 -2.16
CA ASP A 17 0.77 9.25 -2.17
C ASP A 17 0.00 8.11 -2.85
N GLU A 18 0.35 7.86 -4.11
CA GLU A 18 -0.35 6.86 -4.94
C GLU A 18 -0.35 5.49 -4.26
N ILE A 19 0.79 5.12 -3.70
CA ILE A 19 0.96 3.83 -3.03
C ILE A 19 0.10 3.79 -1.76
N LYS A 20 0.10 4.90 -1.03
CA LYS A 20 -0.71 5.07 0.17
C LYS A 20 -2.19 4.86 -0.16
N LYS A 21 -2.60 5.46 -1.28
CA LYS A 21 -3.98 5.37 -1.75
C LYS A 21 -4.35 3.94 -2.11
N LYS A 22 -3.47 3.27 -2.86
CA LYS A 22 -3.74 1.90 -3.30
C LYS A 22 -3.65 0.92 -2.14
N LEU A 23 -2.89 1.28 -1.11
CA LEU A 23 -2.74 0.45 0.07
C LEU A 23 -4.10 0.10 0.67
N GLU A 24 -4.84 1.12 1.05
CA GLU A 24 -6.13 0.96 1.73
C GLU A 24 -7.16 0.27 0.83
N LYS A 25 -6.95 0.37 -0.48
CA LYS A 25 -7.88 -0.20 -1.44
C LYS A 25 -7.19 -1.26 -2.29
N CYS A 26 -6.28 -2.00 -1.67
CA CYS A 26 -5.48 -3.02 -2.37
C CYS A 26 -6.36 -4.12 -2.95
N GLN A 27 -7.61 -4.20 -2.47
CA GLN A 27 -8.54 -5.25 -2.87
C GLN A 27 -8.64 -5.37 -4.38
N ALA A 28 -8.56 -4.24 -5.08
CA ALA A 28 -8.64 -4.22 -6.54
C ALA A 28 -7.48 -3.44 -7.13
N ALA A 1 -3.43 -10.44 -7.17
CA ALA A 1 -3.81 -9.40 -6.18
C ALA A 1 -2.58 -8.91 -5.43
N GLU A 2 -2.72 -7.77 -4.75
CA GLU A 2 -1.63 -7.19 -3.98
C GLU A 2 -1.88 -7.37 -2.49
N ASP A 3 -0.95 -8.01 -1.80
CA ASP A 3 -1.06 -8.22 -0.36
C ASP A 3 -1.08 -6.88 0.36
N CYS A 4 -2.12 -6.64 1.16
CA CYS A 4 -2.22 -5.40 1.93
C CYS A 4 -1.00 -5.24 2.83
N GLU A 5 -0.50 -6.35 3.37
CA GLU A 5 0.74 -6.36 4.14
C GLU A 5 1.91 -5.88 3.30
N ARG A 6 1.94 -6.32 2.03
CA ARG A 6 3.00 -5.92 1.12
C ARG A 6 2.94 -4.40 0.91
N ILE A 7 1.78 -3.91 0.48
CA ILE A 7 1.55 -2.48 0.28
C ILE A 7 1.88 -1.70 1.54
N ARG A 8 1.51 -2.28 2.68
CA ARG A 8 1.81 -1.71 3.99
C ARG A 8 3.30 -1.41 4.13
N LYS A 9 4.10 -2.47 4.07
CA LYS A 9 5.53 -2.33 4.30
C LYS A 9 6.23 -1.65 3.13
N GLU A 10 5.58 -1.63 1.96
CA GLU A 10 6.08 -0.88 0.81
C GLU A 10 5.87 0.62 1.05
N LEU A 11 4.78 0.96 1.74
CA LEU A 11 4.51 2.35 2.12
C LEU A 11 5.49 2.77 3.20
N GLU A 12 5.75 1.84 4.11
CA GLU A 12 6.74 2.04 5.17
C GLU A 12 8.13 2.25 4.55
N LYS A 13 8.43 1.44 3.53
CA LYS A 13 9.70 1.49 2.83
C LYS A 13 9.79 2.73 1.94
N ASN A 14 8.66 3.08 1.34
CA ASN A 14 8.60 4.16 0.36
C ASN A 14 7.33 4.98 0.54
N PRO A 15 7.40 6.03 1.38
CA PRO A 15 6.23 6.89 1.65
C PRO A 15 5.83 7.72 0.43
N ASN A 16 4.96 7.17 -0.40
CA ASN A 16 4.49 7.82 -1.62
C ASN A 16 2.97 7.92 -1.64
N ASP A 17 2.47 9.03 -2.20
CA ASP A 17 1.04 9.30 -2.27
C ASP A 17 0.28 8.16 -2.94
N GLU A 18 0.82 7.69 -4.06
CA GLU A 18 0.17 6.62 -4.81
C GLU A 18 0.11 5.33 -3.99
N ILE A 19 1.18 5.03 -3.25
CA ILE A 19 1.20 3.84 -2.41
C ILE A 19 0.11 3.96 -1.34
N LYS A 20 -0.02 5.16 -0.78
CA LYS A 20 -1.08 5.45 0.18
C LYS A 20 -2.45 5.19 -0.45
N LYS A 21 -2.62 5.63 -1.69
CA LYS A 21 -3.88 5.45 -2.41
C LYS A 21 -4.13 3.97 -2.68
N LYS A 22 -3.05 3.21 -2.90
CA LYS A 22 -3.14 1.77 -3.15
C LYS A 22 -3.49 1.01 -1.88
N LEU A 23 -2.97 1.48 -0.75
CA LEU A 23 -3.33 0.89 0.55
C LEU A 23 -4.81 1.21 0.79
N GLU A 24 -5.23 2.39 0.37
CA GLU A 24 -6.62 2.81 0.47
C GLU A 24 -7.52 1.90 -0.37
N LYS A 25 -6.96 1.30 -1.42
CA LYS A 25 -7.70 0.33 -2.21
C LYS A 25 -8.07 -0.88 -1.36
N CYS A 26 -7.14 -1.28 -0.49
CA CYS A 26 -7.37 -2.36 0.44
C CYS A 26 -8.31 -1.91 1.57
N GLN A 27 -8.17 -0.66 1.99
CA GLN A 27 -8.96 -0.11 3.08
C GLN A 27 -9.56 1.23 2.67
N ALA A 28 -10.69 1.17 1.98
CA ALA A 28 -11.36 2.37 1.48
C ALA A 28 -12.58 2.70 2.35
N ALA A 1 -4.15 -7.35 -6.66
CA ALA A 1 -5.17 -6.78 -5.76
C ALA A 1 -5.08 -7.43 -4.38
N GLU A 2 -5.50 -6.71 -3.35
CA GLU A 2 -5.48 -7.20 -1.97
C GLU A 2 -4.04 -7.55 -1.56
N ASP A 3 -3.09 -6.82 -2.13
CA ASP A 3 -1.66 -7.02 -1.85
C ASP A 3 -1.25 -6.22 -0.62
N CYS A 4 -2.18 -6.08 0.32
CA CYS A 4 -2.01 -5.22 1.48
C CYS A 4 -0.68 -5.48 2.20
N GLU A 5 -0.27 -6.74 2.24
CA GLU A 5 1.01 -7.12 2.83
C GLU A 5 2.16 -6.33 2.19
N ARG A 6 2.28 -6.49 0.89
CA ARG A 6 3.39 -5.91 0.14
C ARG A 6 3.30 -4.39 0.15
N ILE A 7 2.09 -3.89 -0.12
CA ILE A 7 1.85 -2.45 -0.21
C ILE A 7 2.16 -1.77 1.13
N ARG A 8 1.71 -2.37 2.23
CA ARG A 8 1.94 -1.82 3.56
C ARG A 8 3.43 -1.81 3.87
N LYS A 9 4.05 -2.97 3.67
CA LYS A 9 5.48 -3.13 3.92
C LYS A 9 6.29 -2.13 3.10
N GLU A 10 5.80 -1.80 1.92
CA GLU A 10 6.44 -0.81 1.06
C GLU A 10 6.08 0.60 1.53
N LEU A 11 4.88 0.74 2.08
CA LEU A 11 4.33 2.04 2.49
C LEU A 11 5.10 2.62 3.68
N GLU A 12 5.40 1.77 4.65
CA GLU A 12 6.12 2.20 5.85
C GLU A 12 7.46 2.85 5.49
N LYS A 13 8.07 2.35 4.41
CA LYS A 13 9.32 2.92 3.92
C LYS A 13 9.05 4.15 3.05
N ASN A 14 8.20 3.96 2.05
CA ASN A 14 7.91 5.00 1.06
C ASN A 14 6.44 5.44 1.18
N PRO A 15 6.16 6.45 2.02
CA PRO A 15 4.80 6.91 2.31
C PRO A 15 4.24 7.85 1.24
N ASN A 16 4.42 7.47 -0.02
CA ASN A 16 3.98 8.28 -1.15
C ASN A 16 2.50 8.04 -1.43
N ASP A 17 1.82 9.07 -1.94
CA ASP A 17 0.38 9.03 -2.19
C ASP A 17 -0.05 7.81 -3.01
N GLU A 18 0.73 7.45 -4.02
CA GLU A 18 0.43 6.26 -4.84
C GLU A 18 0.25 5.02 -3.96
N ILE A 19 1.20 4.81 -3.05
CA ILE A 19 1.23 3.61 -2.23
C ILE A 19 0.22 3.72 -1.09
N LYS A 20 0.08 4.92 -0.55
CA LYS A 20 -0.88 5.19 0.51
C LYS A 20 -2.29 4.89 0.04
N LYS A 21 -2.61 5.36 -1.16
CA LYS A 21 -3.91 5.13 -1.78
C LYS A 21 -4.03 3.66 -2.17
N LYS A 22 -2.93 3.10 -2.68
CA LYS A 22 -2.88 1.69 -3.08
C LYS A 22 -3.31 0.81 -1.90
N LEU A 23 -2.80 1.15 -0.72
CA LEU A 23 -3.13 0.44 0.51
C LEU A 23 -4.57 0.73 0.91
N GLU A 24 -4.99 1.98 0.73
CA GLU A 24 -6.34 2.41 1.07
C GLU A 24 -7.39 1.57 0.33
N LYS A 25 -7.16 1.33 -0.95
CA LYS A 25 -8.10 0.58 -1.78
C LYS A 25 -7.64 -0.87 -1.99
N CYS A 26 -6.76 -1.34 -1.11
CA CYS A 26 -6.26 -2.71 -1.19
C CYS A 26 -7.38 -3.71 -0.90
N GLN A 27 -8.29 -3.31 0.01
CA GLN A 27 -9.40 -4.17 0.41
C GLN A 27 -10.26 -4.59 -0.78
N ALA A 28 -10.37 -3.71 -1.78
CA ALA A 28 -11.20 -3.96 -2.95
C ALA A 28 -10.47 -3.51 -4.22
N ALA A 1 -2.82 -14.16 -2.84
CA ALA A 1 -2.60 -13.57 -1.51
C ALA A 1 -2.77 -12.06 -1.57
N GLU A 2 -3.44 -11.50 -0.55
CA GLU A 2 -3.70 -10.06 -0.52
C GLU A 2 -2.40 -9.27 -0.50
N ASP A 3 -2.24 -8.39 -1.47
CA ASP A 3 -1.01 -7.61 -1.63
C ASP A 3 -0.93 -6.49 -0.61
N CYS A 4 -1.95 -6.39 0.26
CA CYS A 4 -1.94 -5.43 1.37
C CYS A 4 -0.59 -5.44 2.10
N GLU A 5 -0.05 -6.64 2.31
CA GLU A 5 1.25 -6.81 2.96
C GLU A 5 2.32 -6.03 2.19
N ARG A 6 2.28 -6.16 0.88
CA ARG A 6 3.29 -5.56 0.01
C ARG A 6 3.11 -4.06 -0.06
N ILE A 7 1.86 -3.62 -0.22
CA ILE A 7 1.56 -2.18 -0.26
C ILE A 7 2.04 -1.50 1.02
N ARG A 8 1.65 -2.05 2.17
CA ARG A 8 2.17 -1.60 3.47
C ARG A 8 3.69 -1.53 3.44
N LYS A 9 4.30 -2.64 3.04
CA LYS A 9 5.75 -2.77 3.02
C LYS A 9 6.40 -1.69 2.15
N GLU A 10 5.74 -1.38 1.04
CA GLU A 10 6.22 -0.37 0.11
C GLU A 10 6.01 1.03 0.68
N LEU A 11 4.94 1.17 1.46
CA LEU A 11 4.54 2.47 2.00
C LEU A 11 5.37 2.81 3.24
N GLU A 12 5.74 1.78 3.98
CA GLU A 12 6.49 1.94 5.20
C GLU A 12 7.83 2.61 4.92
N LYS A 13 8.47 2.20 3.83
CA LYS A 13 9.74 2.79 3.42
C LYS A 13 9.50 4.07 2.61
N ASN A 14 8.73 3.96 1.54
CA ASN A 14 8.48 5.08 0.64
C ASN A 14 7.05 5.57 0.78
N PRO A 15 6.86 6.79 1.35
CA PRO A 15 5.53 7.40 1.49
C PRO A 15 4.98 7.89 0.15
N ASN A 16 4.79 6.96 -0.78
CA ASN A 16 4.34 7.28 -2.13
C ASN A 16 2.83 7.53 -2.13
N ASP A 17 2.43 8.59 -2.84
CA ASP A 17 1.02 8.97 -2.96
C ASP A 17 0.15 7.78 -3.32
N GLU A 18 0.44 7.18 -4.47
CA GLU A 18 -0.37 6.09 -4.98
C GLU A 18 -0.38 4.91 -4.00
N ILE A 19 0.80 4.49 -3.55
CA ILE A 19 0.91 3.36 -2.64
C ILE A 19 0.00 3.54 -1.42
N LYS A 20 0.04 4.72 -0.81
CA LYS A 20 -0.81 5.01 0.33
C LYS A 20 -2.28 4.94 -0.09
N LYS A 21 -2.58 5.55 -1.23
CA LYS A 21 -3.94 5.64 -1.73
C LYS A 21 -4.45 4.26 -2.19
N LYS A 22 -3.55 3.31 -2.40
CA LYS A 22 -3.94 1.93 -2.69
C LYS A 22 -4.26 1.21 -1.39
N LEU A 23 -3.36 1.35 -0.42
CA LEU A 23 -3.54 0.74 0.90
C LEU A 23 -4.79 1.32 1.56
N GLU A 24 -5.13 2.55 1.17
CA GLU A 24 -6.29 3.27 1.70
C GLU A 24 -7.56 2.45 1.51
N LYS A 25 -7.63 1.68 0.42
CA LYS A 25 -8.79 0.84 0.13
C LYS A 25 -8.71 -0.45 0.94
N CYS A 26 -7.50 -0.90 1.21
CA CYS A 26 -7.29 -2.10 2.02
C CYS A 26 -7.58 -1.80 3.49
N GLN A 27 -7.32 -0.56 3.89
CA GLN A 27 -7.47 -0.14 5.27
C GLN A 27 -7.38 1.39 5.38
N ALA A 28 -8.52 2.03 5.58
CA ALA A 28 -8.58 3.48 5.73
C ALA A 28 -8.77 3.86 7.19
N ALA A 1 -6.10 -7.49 -8.05
CA ALA A 1 -6.00 -7.60 -6.57
C ALA A 1 -4.57 -7.91 -6.14
N GLU A 2 -3.93 -6.97 -5.45
CA GLU A 2 -2.58 -7.16 -4.93
C GLU A 2 -2.61 -7.10 -3.41
N ASP A 3 -1.78 -7.92 -2.77
CA ASP A 3 -1.78 -8.10 -1.32
C ASP A 3 -1.53 -6.78 -0.59
N CYS A 4 -2.50 -6.38 0.23
CA CYS A 4 -2.45 -5.12 0.97
C CYS A 4 -1.28 -5.08 1.93
N GLU A 5 -1.00 -6.22 2.58
CA GLU A 5 0.14 -6.32 3.50
C GLU A 5 1.44 -6.05 2.76
N ARG A 6 1.56 -6.58 1.55
CA ARG A 6 2.75 -6.38 0.74
C ARG A 6 2.87 -4.91 0.35
N ILE A 7 1.76 -4.31 -0.07
CA ILE A 7 1.72 -2.89 -0.39
C ILE A 7 2.10 -2.05 0.83
N ARG A 8 1.57 -2.45 1.99
CA ARG A 8 1.85 -1.77 3.24
C ARG A 8 3.34 -1.84 3.55
N LYS A 9 3.91 -3.00 3.30
CA LYS A 9 5.34 -3.22 3.49
C LYS A 9 6.16 -2.33 2.56
N GLU A 10 5.71 -2.17 1.33
CA GLU A 10 6.36 -1.29 0.37
C GLU A 10 6.18 0.17 0.80
N LEU A 11 5.02 0.45 1.39
CA LEU A 11 4.68 1.79 1.85
C LEU A 11 5.48 2.10 3.13
N GLU A 12 5.84 1.04 3.84
CA GLU A 12 6.62 1.13 5.04
C GLU A 12 7.99 1.74 4.74
N LYS A 13 8.61 1.25 3.67
CA LYS A 13 9.93 1.71 3.27
C LYS A 13 9.85 3.06 2.55
N ASN A 14 9.06 3.12 1.49
CA ASN A 14 8.98 4.32 0.67
C ASN A 14 7.52 4.77 0.54
N PRO A 15 7.13 5.83 1.27
CA PRO A 15 5.75 6.32 1.27
C PRO A 15 5.42 7.17 0.03
N ASN A 16 4.52 6.65 -0.81
CA ASN A 16 3.99 7.41 -1.95
C ASN A 16 2.49 7.59 -1.76
N ASP A 17 1.98 8.77 -2.12
CA ASP A 17 0.55 9.06 -1.96
C ASP A 17 -0.30 8.10 -2.78
N GLU A 18 0.18 7.79 -3.99
CA GLU A 18 -0.50 6.84 -4.87
C GLU A 18 -0.66 5.49 -4.18
N ILE A 19 0.46 4.91 -3.76
CA ILE A 19 0.47 3.61 -3.10
C ILE A 19 -0.34 3.65 -1.81
N LYS A 20 -0.17 4.73 -1.07
CA LYS A 20 -0.87 4.97 0.20
C LYS A 20 -2.38 4.96 0.00
N LYS A 21 -2.83 5.54 -1.10
CA LYS A 21 -4.25 5.63 -1.41
C LYS A 21 -4.76 4.33 -2.04
N LYS A 22 -3.92 3.70 -2.86
CA LYS A 22 -4.29 2.46 -3.54
C LYS A 22 -4.36 1.30 -2.55
N LEU A 23 -3.65 1.45 -1.44
CA LEU A 23 -3.72 0.48 -0.35
C LEU A 23 -5.17 0.35 0.15
N GLU A 24 -5.92 1.43 0.02
CA GLU A 24 -7.31 1.47 0.46
C GLU A 24 -8.18 0.48 -0.33
N LYS A 25 -7.85 0.29 -1.60
CA LYS A 25 -8.71 -0.51 -2.49
C LYS A 25 -7.96 -1.73 -3.06
N CYS A 26 -6.95 -2.19 -2.35
CA CYS A 26 -6.32 -3.46 -2.68
C CYS A 26 -7.10 -4.61 -2.05
N GLN A 27 -7.87 -4.26 -1.02
CA GLN A 27 -8.66 -5.23 -0.27
C GLN A 27 -10.01 -5.47 -0.94
N ALA A 28 -10.54 -4.45 -1.60
CA ALA A 28 -11.84 -4.54 -2.26
C ALA A 28 -12.03 -3.37 -3.22
#